data_6IOP
#
_entry.id   6IOP
#
_cell.length_a   104.100
_cell.length_b   88.390
_cell.length_c   64.530
_cell.angle_alpha   90.00
_cell.angle_beta   105.00
_cell.angle_gamma   90.00
#
_symmetry.space_group_name_H-M   'C 1 2 1'
#
loop_
_entity.id
_entity.type
_entity.pdbx_description
1 polymer 'Methyl-accepting chemotaxis protein'
2 non-polymer 'CALCIUM ION'
3 non-polymer 'ACETATE ION'
4 non-polymer ALANINE
5 water water
#
_entity_poly.entity_id   1
_entity_poly.type   'polypeptide(L)'
_entity_poly.pdbx_seq_one_letter_code
;GPLGSVREEIESLVQDSLMEMVKGVKNTIESDLASKKGLAQSTTEILQLDPTNKAFAKSVLESPNLKGSFLAIGLGYESD
ATVVENDDGWEPNADYDPRKRPWYVDAKRERKLVVTEPYVDISTKKIIISIGTPVYQQSNFVGAMFYDVELTQLAQLVNS
VNLFDAGYLFITTKDGVTIAHPNAENNGEKFSQFLPNVDLKEGTQRIELDGKYYLVKFAQVPSESWYIGAVVDESIAFAM
VDDLRHSSLIHHHHHH
;
_entity_poly.pdbx_strand_id   A,B
#
loop_
_chem_comp.id
_chem_comp.type
_chem_comp.name
_chem_comp.formula
ACT non-polymer 'ACETATE ION' 'C2 H3 O2 -1'
CA non-polymer 'CALCIUM ION' 'Ca 2'
#
# COMPACT_ATOMS: atom_id res chain seq x y z
N GLY A 4 18.45 8.30 -37.93
CA GLY A 4 17.34 9.24 -37.92
C GLY A 4 17.02 9.78 -36.54
N SER A 5 17.27 11.06 -36.32
CA SER A 5 16.94 11.70 -35.04
C SER A 5 15.44 11.74 -34.75
N VAL A 6 14.62 11.71 -35.80
CA VAL A 6 13.17 11.64 -35.60
C VAL A 6 12.76 10.29 -35.01
N ARG A 7 13.16 9.21 -35.67
CA ARG A 7 12.81 7.88 -35.21
C ARG A 7 13.40 7.61 -33.83
N GLU A 8 14.60 8.12 -33.60
CA GLU A 8 15.21 7.97 -32.29
C GLU A 8 14.40 8.75 -31.24
N GLU A 9 13.79 9.87 -31.65
CA GLU A 9 12.91 10.59 -30.76
C GLU A 9 11.61 9.83 -30.54
N ILE A 10 11.13 9.17 -31.58
CA ILE A 10 10.01 8.24 -31.46
C ILE A 10 10.32 7.25 -30.35
N GLU A 11 11.47 6.62 -30.46
CA GLU A 11 11.89 5.61 -29.53
C GLU A 11 11.91 6.17 -28.10
N SER A 12 12.33 7.43 -27.97
CA SER A 12 12.48 8.05 -26.66
C SER A 12 11.13 8.36 -26.00
N LEU A 13 10.16 8.74 -26.82
CA LEU A 13 8.81 9.05 -26.35
C LEU A 13 8.02 7.78 -26.00
N VAL A 14 8.26 6.71 -26.73
CA VAL A 14 7.63 5.44 -26.42
C VAL A 14 8.22 4.89 -25.12
N GLN A 15 9.53 5.03 -24.96
CA GLN A 15 10.20 4.63 -23.73
C GLN A 15 9.64 5.37 -22.54
N ASP A 16 9.42 6.68 -22.71
CA ASP A 16 8.88 7.51 -21.64
C ASP A 16 7.54 6.99 -21.16
N SER A 17 6.65 6.70 -22.09
CA SER A 17 5.35 6.14 -21.76
C SER A 17 5.46 4.76 -21.08
N LEU A 18 6.31 3.91 -21.64
CA LEU A 18 6.57 2.58 -21.09
C LEU A 18 7.00 2.63 -19.62
N MET A 19 7.90 3.56 -19.30
CA MET A 19 8.40 3.70 -17.93
C MET A 19 7.27 4.17 -17.03
N GLU A 20 6.47 5.10 -17.54
CA GLU A 20 5.33 5.58 -16.80
C GLU A 20 4.36 4.43 -16.49
N MET A 21 4.18 3.54 -17.45
CA MET A 21 3.31 2.38 -17.26
C MET A 21 3.92 1.33 -16.30
N VAL A 22 5.23 1.14 -16.35
CA VAL A 22 5.88 0.29 -15.36
C VAL A 22 5.69 0.89 -13.97
N LYS A 23 5.84 2.21 -13.87
CA LYS A 23 5.66 2.88 -12.59
C LYS A 23 4.21 2.76 -12.10
N GLY A 24 3.25 2.87 -13.02
CA GLY A 24 1.84 2.72 -12.70
C GLY A 24 1.43 1.32 -12.18
N VAL A 25 1.99 0.28 -12.77
CA VAL A 25 1.66 -1.08 -12.37
C VAL A 25 2.19 -1.35 -10.94
N LYS A 26 3.40 -0.89 -10.66
CA LYS A 26 3.97 -1.02 -9.33
C LYS A 26 3.21 -0.21 -8.28
N ASN A 27 2.87 1.02 -8.63
CA ASN A 27 2.17 1.93 -7.73
C ASN A 27 0.73 1.54 -7.41
N THR A 28 0.09 0.80 -8.31
CA THR A 28 -1.33 0.51 -8.14
C THR A 28 -1.59 -1.00 -7.91
N ILE A 29 -1.01 -1.86 -8.74
CA ILE A 29 -1.28 -3.28 -8.61
C ILE A 29 -0.36 -3.95 -7.59
N GLU A 30 0.93 -3.61 -7.62
CA GLU A 30 1.87 -4.21 -6.68
C GLU A 30 1.58 -3.78 -5.26
N SER A 31 1.29 -2.50 -5.09
CA SER A 31 0.96 -1.95 -3.79
C SER A 31 -0.26 -2.62 -3.21
N ASP A 32 -1.27 -2.81 -4.06
CA ASP A 32 -2.49 -3.50 -3.67
C ASP A 32 -2.23 -4.97 -3.28
N LEU A 33 -1.43 -5.69 -4.09
CA LEU A 33 -1.05 -7.08 -3.76
C LEU A 33 -0.21 -7.19 -2.49
N ALA A 34 0.66 -6.21 -2.27
CA ALA A 34 1.46 -6.20 -1.04
C ALA A 34 0.53 -6.20 0.18
N SER A 35 -0.46 -5.33 0.14
CA SER A 35 -1.41 -5.19 1.21
C SER A 35 -2.32 -6.41 1.36
N LYS A 36 -2.70 -7.00 0.24
CA LYS A 36 -3.48 -8.22 0.25
C LYS A 36 -2.71 -9.43 0.77
N LYS A 37 -1.40 -9.49 0.52
CA LYS A 37 -0.59 -10.59 1.05
C LYS A 37 -0.48 -10.47 2.58
N GLY A 38 -0.41 -9.25 3.10
CA GLY A 38 -0.38 -9.04 4.53
C GLY A 38 -1.67 -9.55 5.14
N LEU A 39 -2.77 -9.22 4.51
CA LEU A 39 -4.08 -9.62 4.99
C LEU A 39 -4.22 -11.15 4.96
N ALA A 40 -3.76 -11.76 3.87
CA ALA A 40 -3.86 -13.19 3.70
C ALA A 40 -2.95 -13.95 4.67
N GLN A 41 -1.77 -13.41 4.93
CA GLN A 41 -0.82 -14.04 5.85
C GLN A 41 -1.37 -14.04 7.28
N SER A 42 -1.90 -12.89 7.70
CA SER A 42 -2.52 -12.73 9.01
C SER A 42 -3.77 -13.58 9.19
N THR A 43 -4.59 -13.66 8.15
CA THR A 43 -5.79 -14.50 8.19
C THR A 43 -5.42 -15.97 8.33
N THR A 44 -4.30 -16.36 7.72
CA THR A 44 -3.87 -17.74 7.75
C THR A 44 -3.38 -18.06 9.16
N GLU A 45 -2.58 -17.16 9.72
CA GLU A 45 -2.04 -17.35 11.06
C GLU A 45 -3.15 -17.44 12.10
N ILE A 46 -4.18 -16.62 11.92
CA ILE A 46 -5.30 -16.62 12.82
C ILE A 46 -6.08 -17.95 12.70
N LEU A 47 -6.20 -18.48 11.49
CA LEU A 47 -6.98 -19.71 11.35
C LEU A 47 -6.22 -20.88 11.94
N GLN A 48 -4.89 -20.82 12.01
CA GLN A 48 -4.19 -21.93 12.62
C GLN A 48 -4.12 -21.79 14.15
N LEU A 49 -4.96 -20.91 14.70
CA LEU A 49 -5.30 -21.00 16.13
C LEU A 49 -6.21 -22.22 16.38
N ASP A 50 -7.10 -22.51 15.42
CA ASP A 50 -7.82 -23.81 15.40
C ASP A 50 -8.36 -24.18 14.01
N PRO A 51 -7.51 -24.74 13.16
CA PRO A 51 -7.66 -24.94 11.71
C PRO A 51 -8.78 -25.90 11.26
N THR A 52 -8.99 -26.98 12.01
CA THR A 52 -10.01 -27.98 11.67
C THR A 52 -11.40 -27.59 12.19
N ASN A 53 -11.46 -26.50 12.95
CA ASN A 53 -12.74 -25.95 13.37
C ASN A 53 -13.35 -25.24 12.15
N LYS A 54 -14.25 -25.93 11.46
CA LYS A 54 -14.77 -25.41 10.21
C LYS A 54 -15.74 -24.28 10.44
N ALA A 55 -16.31 -24.21 11.64
CA ALA A 55 -17.24 -23.15 12.01
C ALA A 55 -16.50 -21.84 12.27
N PHE A 56 -15.33 -21.96 12.89
CA PHE A 56 -14.43 -20.84 13.13
C PHE A 56 -13.93 -20.27 11.80
N ALA A 57 -13.43 -21.16 10.95
CA ALA A 57 -12.90 -20.80 9.65
C ALA A 57 -13.94 -20.05 8.82
N LYS A 58 -15.15 -20.58 8.81
CA LYS A 58 -16.27 -20.00 8.08
C LYS A 58 -16.63 -18.59 8.58
N SER A 59 -16.70 -18.44 9.91
CA SER A 59 -16.98 -17.14 10.52
C SER A 59 -15.95 -16.11 10.08
N VAL A 60 -14.69 -16.52 10.04
CA VAL A 60 -13.62 -15.62 9.69
C VAL A 60 -13.76 -15.20 8.22
N LEU A 61 -13.87 -16.18 7.33
CA LEU A 61 -13.92 -15.89 5.89
C LEU A 61 -15.17 -15.12 5.50
N GLU A 62 -16.20 -15.16 6.35
CA GLU A 62 -17.40 -14.41 6.03
C GLU A 62 -17.42 -13.04 6.68
N SER A 63 -16.44 -12.70 7.51
CA SER A 63 -16.42 -11.36 8.08
C SER A 63 -16.22 -10.33 6.95
N PRO A 64 -16.97 -9.22 7.00
CA PRO A 64 -17.18 -8.28 5.87
C PRO A 64 -15.92 -7.72 5.18
N ASN A 65 -14.93 -7.23 5.92
CA ASN A 65 -13.74 -6.70 5.27
C ASN A 65 -13.01 -7.75 4.46
N LEU A 66 -12.81 -8.93 5.04
CA LEU A 66 -12.18 -10.04 4.32
C LEU A 66 -12.96 -10.45 3.10
N LYS A 67 -14.27 -10.60 3.26
CA LYS A 67 -15.12 -10.99 2.15
C LYS A 67 -15.17 -9.89 1.06
N GLY A 68 -14.96 -8.64 1.46
CA GLY A 68 -14.95 -7.54 0.53
C GLY A 68 -13.62 -7.36 -0.19
N SER A 69 -12.54 -7.83 0.42
CA SER A 69 -11.20 -7.52 -0.07
C SER A 69 -10.68 -8.51 -1.09
N PHE A 70 -11.43 -9.58 -1.30
CA PHE A 70 -11.01 -10.68 -2.18
C PHE A 70 -12.18 -11.16 -3.01
N LEU A 71 -11.88 -11.75 -4.17
CA LEU A 71 -12.93 -12.33 -4.99
C LEU A 71 -13.58 -13.46 -4.21
N ALA A 72 -12.72 -14.34 -3.67
CA ALA A 72 -13.13 -15.47 -2.83
C ALA A 72 -11.92 -15.99 -2.03
N ILE A 73 -12.20 -16.68 -0.93
CA ILE A 73 -11.18 -17.29 -0.09
C ILE A 73 -11.64 -18.69 0.28
N GLY A 74 -10.71 -19.64 0.30
CA GLY A 74 -11.05 -21.01 0.65
C GLY A 74 -9.96 -21.71 1.41
N LEU A 75 -10.34 -22.65 2.25
CA LEU A 75 -9.39 -23.49 2.95
C LEU A 75 -9.60 -24.93 2.51
N GLY A 76 -8.53 -25.57 2.04
CA GLY A 76 -8.64 -26.94 1.58
C GLY A 76 -7.87 -27.83 2.51
N TYR A 77 -8.51 -28.90 2.98
CA TYR A 77 -7.89 -29.75 3.99
C TYR A 77 -7.10 -30.91 3.39
N GLU A 78 -5.92 -31.18 3.95
CA GLU A 78 -5.05 -32.26 3.49
C GLU A 78 -5.62 -33.68 3.66
N SER A 79 -6.20 -33.95 4.83
CA SER A 79 -6.63 -35.32 5.15
C SER A 79 -7.85 -35.79 4.34
N ASP A 80 -8.87 -34.96 4.19
CA ASP A 80 -10.08 -35.42 3.52
C ASP A 80 -10.50 -34.59 2.31
N ALA A 81 -9.68 -33.59 1.94
CA ALA A 81 -9.90 -32.81 0.72
C ALA A 81 -11.18 -31.98 0.76
N THR A 82 -11.65 -31.65 1.97
CA THR A 82 -12.85 -30.84 2.09
C THR A 82 -12.47 -29.36 2.09
N VAL A 83 -13.44 -28.51 1.79
CA VAL A 83 -13.16 -27.10 1.55
C VAL A 83 -14.12 -26.21 2.32
N VAL A 84 -13.58 -25.22 3.02
CA VAL A 84 -14.44 -24.16 3.52
C VAL A 84 -14.18 -22.93 2.68
N GLU A 85 -15.23 -22.33 2.15
CA GLU A 85 -15.06 -21.16 1.31
C GLU A 85 -16.20 -20.16 1.49
N ASN A 86 -15.98 -18.94 0.99
CA ASN A 86 -16.91 -17.84 1.19
C ASN A 86 -17.52 -17.36 -0.13
N ASP A 87 -17.43 -18.20 -1.14
CA ASP A 87 -17.97 -17.86 -2.45
C ASP A 87 -19.45 -18.23 -2.48
N ASP A 88 -20.32 -17.22 -2.56
CA ASP A 88 -21.77 -17.44 -2.54
C ASP A 88 -22.27 -18.06 -3.83
N GLY A 89 -21.41 -18.08 -4.85
CA GLY A 89 -21.77 -18.64 -6.14
C GLY A 89 -21.06 -19.93 -6.49
N TRP A 90 -20.47 -20.57 -5.49
CA TRP A 90 -19.71 -21.80 -5.72
C TRP A 90 -19.74 -22.73 -4.53
N GLU A 91 -19.99 -24.01 -4.79
CA GLU A 91 -19.92 -25.04 -3.77
C GLU A 91 -19.10 -26.19 -4.32
N PRO A 92 -17.98 -26.51 -3.65
CA PRO A 92 -17.08 -27.58 -4.07
C PRO A 92 -17.70 -28.97 -3.87
N ASN A 93 -17.77 -29.76 -4.94
CA ASN A 93 -18.19 -31.15 -4.80
C ASN A 93 -17.00 -32.08 -4.81
N ALA A 94 -17.26 -33.39 -4.69
CA ALA A 94 -16.19 -34.38 -4.62
C ALA A 94 -15.45 -34.55 -5.95
N ASP A 95 -15.86 -33.83 -6.98
CA ASP A 95 -15.07 -33.76 -8.22
C ASP A 95 -14.03 -32.65 -8.14
N TYR A 96 -13.93 -32.02 -6.97
CA TYR A 96 -12.95 -30.97 -6.76
C TYR A 96 -11.97 -31.37 -5.67
N ASP A 97 -10.71 -31.54 -6.03
CA ASP A 97 -9.69 -31.85 -5.02
C ASP A 97 -8.78 -30.65 -4.92
N PRO A 98 -8.93 -29.86 -3.84
CA PRO A 98 -8.06 -28.68 -3.68
C PRO A 98 -6.56 -29.04 -3.72
N ARG A 99 -6.22 -30.26 -3.30
CA ARG A 99 -4.82 -30.68 -3.17
C ARG A 99 -4.12 -30.87 -4.52
N LYS A 100 -4.91 -30.84 -5.59
CA LYS A 100 -4.37 -30.97 -6.94
C LYS A 100 -4.25 -29.59 -7.60
N ARG A 101 -4.77 -28.56 -6.94
CA ARG A 101 -4.68 -27.19 -7.47
C ARG A 101 -3.31 -26.57 -7.25
N PRO A 102 -2.87 -25.74 -8.21
CA PRO A 102 -1.56 -25.08 -8.26
C PRO A 102 -1.20 -24.28 -7.00
N TRP A 103 -2.15 -23.50 -6.47
CA TRP A 103 -1.90 -22.68 -5.29
C TRP A 103 -1.62 -23.55 -4.07
N TYR A 104 -2.28 -24.71 -4.03
CA TYR A 104 -2.15 -25.69 -2.95
C TYR A 104 -0.77 -26.37 -2.97
N VAL A 105 -0.49 -27.07 -4.07
CA VAL A 105 0.81 -27.67 -4.34
C VAL A 105 2.00 -26.69 -4.14
N ASP A 106 1.91 -25.52 -4.72
CA ASP A 106 2.97 -24.51 -4.54
C ASP A 106 3.11 -24.08 -3.07
N ALA A 107 2.00 -23.85 -2.38
CA ALA A 107 2.06 -23.47 -0.97
C ALA A 107 2.67 -24.60 -0.15
N LYS A 108 2.15 -25.81 -0.38
CA LYS A 108 2.63 -27.03 0.26
C LYS A 108 4.14 -27.22 0.06
N ARG A 109 4.61 -27.01 -1.16
CA ARG A 109 6.02 -27.21 -1.48
C ARG A 109 6.94 -26.11 -0.93
N GLU A 110 6.52 -24.86 -1.05
CA GLU A 110 7.34 -23.71 -0.63
C GLU A 110 7.29 -23.46 0.87
N ARG A 111 6.24 -23.98 1.51
CA ARG A 111 6.00 -23.86 2.94
C ARG A 111 5.91 -22.41 3.42
N LYS A 112 5.50 -21.52 2.51
CA LYS A 112 5.22 -20.13 2.84
C LYS A 112 4.27 -19.57 1.79
N LEU A 113 3.88 -18.31 1.95
CA LEU A 113 2.90 -17.69 1.08
C LEU A 113 3.41 -17.69 -0.36
N VAL A 114 2.56 -18.11 -1.30
CA VAL A 114 2.90 -18.06 -2.72
C VAL A 114 1.88 -17.22 -3.50
N VAL A 115 2.30 -16.69 -4.65
CA VAL A 115 1.38 -16.06 -5.58
C VAL A 115 1.46 -16.75 -6.94
N THR A 116 0.34 -17.32 -7.39
CA THR A 116 0.24 -18.00 -8.69
C THR A 116 0.40 -17.06 -9.87
N GLU A 117 0.58 -17.64 -11.05
CA GLU A 117 0.47 -16.88 -12.31
C GLU A 117 -0.97 -16.44 -12.46
N PRO A 118 -1.20 -15.25 -13.04
CA PRO A 118 -2.60 -14.84 -13.22
C PRO A 118 -3.24 -15.57 -14.39
N TYR A 119 -4.56 -15.69 -14.41
CA TYR A 119 -5.24 -16.30 -15.53
C TYR A 119 -6.49 -15.51 -15.93
N VAL A 120 -7.03 -15.83 -17.09
CA VAL A 120 -8.21 -15.14 -17.58
C VAL A 120 -9.38 -16.11 -17.55
N ASP A 121 -10.32 -15.86 -16.63
CA ASP A 121 -11.52 -16.70 -16.55
C ASP A 121 -12.15 -16.82 -17.93
N ILE A 122 -12.30 -18.04 -18.44
CA ILE A 122 -12.78 -18.27 -19.80
C ILE A 122 -14.26 -17.91 -19.93
N SER A 123 -15.02 -18.08 -18.85
CA SER A 123 -16.41 -17.65 -18.83
C SER A 123 -16.56 -16.12 -18.85
N THR A 124 -15.43 -15.41 -18.88
CA THR A 124 -15.43 -13.96 -19.09
C THR A 124 -14.05 -13.45 -19.55
N LYS A 125 -13.71 -12.22 -19.19
CA LYS A 125 -12.38 -11.71 -19.48
C LYS A 125 -11.79 -11.08 -18.21
N LYS A 126 -12.26 -11.56 -17.06
CA LYS A 126 -11.72 -11.10 -15.79
C LYS A 126 -10.35 -11.70 -15.56
N ILE A 127 -9.42 -10.88 -15.08
CA ILE A 127 -8.09 -11.32 -14.76
C ILE A 127 -8.01 -11.69 -13.30
N ILE A 128 -7.63 -12.92 -13.01
CA ILE A 128 -7.61 -13.40 -11.62
C ILE A 128 -6.28 -14.02 -11.26
N ILE A 129 -5.79 -13.67 -10.09
CA ILE A 129 -4.58 -14.24 -9.52
C ILE A 129 -4.87 -14.75 -8.10
N SER A 130 -4.17 -15.80 -7.68
CA SER A 130 -4.43 -16.36 -6.36
C SER A 130 -3.20 -16.37 -5.46
N ILE A 131 -3.39 -15.90 -4.24
CA ILE A 131 -2.42 -16.08 -3.19
C ILE A 131 -2.68 -17.42 -2.52
N GLY A 132 -1.63 -18.21 -2.35
CA GLY A 132 -1.74 -19.47 -1.64
C GLY A 132 -0.94 -19.47 -0.35
N THR A 133 -1.54 -20.02 0.70
CA THR A 133 -0.86 -20.12 1.99
C THR A 133 -0.95 -21.53 2.56
N PRO A 134 0.15 -22.00 3.15
CA PRO A 134 0.09 -23.29 3.83
C PRO A 134 -0.56 -23.13 5.21
N VAL A 135 -1.24 -24.16 5.70
CA VAL A 135 -1.81 -24.16 7.04
C VAL A 135 -1.19 -25.26 7.89
N TYR A 136 -0.65 -24.91 9.05
CA TYR A 136 0.00 -25.90 9.89
C TYR A 136 -0.67 -26.06 11.24
N GLN A 137 -0.60 -27.26 11.78
CA GLN A 137 -1.01 -27.52 13.17
C GLN A 137 0.02 -28.42 13.86
N GLN A 138 0.61 -27.93 14.93
CA GLN A 138 1.64 -28.67 15.67
C GLN A 138 2.77 -29.11 14.73
N SER A 139 3.24 -28.17 13.91
CA SER A 139 4.24 -28.41 12.88
C SER A 139 3.76 -29.39 11.79
N ASN A 140 2.48 -29.72 11.80
CA ASN A 140 1.96 -30.61 10.76
C ASN A 140 1.11 -29.85 9.74
N PHE A 141 1.50 -30.00 8.47
CA PHE A 141 0.77 -29.42 7.35
C PHE A 141 -0.63 -30.00 7.30
N VAL A 142 -1.65 -29.17 7.51
CA VAL A 142 -3.00 -29.69 7.54
C VAL A 142 -3.87 -29.23 6.37
N GLY A 143 -3.34 -28.36 5.53
CA GLY A 143 -4.06 -27.88 4.35
C GLY A 143 -3.46 -26.63 3.79
N ALA A 144 -4.10 -26.06 2.76
CA ALA A 144 -3.70 -24.76 2.28
C ALA A 144 -4.91 -23.89 2.00
N MET A 145 -4.65 -22.59 1.85
CA MET A 145 -5.70 -21.64 1.51
C MET A 145 -5.47 -20.97 0.18
N PHE A 146 -6.56 -20.58 -0.49
CA PHE A 146 -6.43 -19.69 -1.64
C PHE A 146 -7.14 -18.35 -1.35
N TYR A 147 -6.58 -17.27 -1.87
CA TYR A 147 -7.18 -15.93 -1.80
C TYR A 147 -7.22 -15.35 -3.21
N ASP A 148 -8.41 -15.30 -3.82
CA ASP A 148 -8.53 -14.79 -5.20
C ASP A 148 -8.56 -13.29 -5.28
N VAL A 149 -7.65 -12.74 -6.07
CA VAL A 149 -7.60 -11.31 -6.36
C VAL A 149 -7.92 -11.02 -7.83
N GLU A 150 -8.92 -10.19 -8.07
CA GLU A 150 -9.18 -9.76 -9.44
C GLU A 150 -8.26 -8.56 -9.77
N LEU A 151 -7.63 -8.61 -10.93
CA LEU A 151 -6.74 -7.55 -11.35
C LEU A 151 -7.46 -6.57 -12.28
N THR A 152 -8.40 -5.81 -11.71
CA THR A 152 -9.19 -4.83 -12.43
C THR A 152 -8.41 -3.58 -12.81
N GLN A 153 -7.37 -3.27 -12.04
CA GLN A 153 -6.52 -2.14 -12.34
C GLN A 153 -5.89 -2.25 -13.76
N LEU A 154 -5.64 -3.47 -14.24
CA LEU A 154 -4.93 -3.67 -15.51
C LEU A 154 -5.68 -3.05 -16.71
N ALA A 155 -6.98 -3.33 -16.82
CA ALA A 155 -7.79 -2.72 -17.86
C ALA A 155 -7.77 -1.18 -17.78
N GLN A 156 -8.02 -0.62 -16.59
CA GLN A 156 -7.96 0.84 -16.42
C GLN A 156 -6.64 1.43 -16.93
N LEU A 157 -5.53 0.77 -16.60
CA LEU A 157 -4.21 1.32 -16.89
C LEU A 157 -3.94 1.43 -18.38
N VAL A 158 -4.24 0.37 -19.14
CA VAL A 158 -3.96 0.40 -20.57
C VAL A 158 -5.05 1.16 -21.33
N ASN A 159 -6.22 1.34 -20.73
CA ASN A 159 -7.30 2.03 -21.42
C ASN A 159 -7.16 3.54 -21.25
N SER A 160 -6.25 3.95 -20.37
CA SER A 160 -6.11 5.36 -20.03
C SER A 160 -4.94 6.01 -20.76
N VAL A 161 -4.27 5.25 -21.62
CA VAL A 161 -3.10 5.75 -22.30
C VAL A 161 -3.25 5.57 -23.81
N ASN A 162 -2.85 6.57 -24.57
CA ASN A 162 -2.88 6.50 -26.03
C ASN A 162 -1.57 7.02 -26.60
N LEU A 163 -0.78 6.16 -27.24
CA LEU A 163 0.51 6.57 -27.77
C LEU A 163 0.32 7.38 -29.02
N PHE A 164 0.54 8.69 -28.90
CA PHE A 164 0.17 9.62 -29.97
C PHE A 164 -1.31 9.37 -30.19
N ASP A 165 -1.66 9.02 -31.42
CA ASP A 165 -2.83 8.19 -31.67
C ASP A 165 -2.27 7.13 -32.59
N ALA A 166 -0.97 6.95 -32.48
CA ALA A 166 -0.21 6.07 -33.35
C ALA A 166 -0.16 4.64 -32.82
N GLY A 167 -0.57 4.44 -31.56
CA GLY A 167 -0.52 3.11 -30.95
C GLY A 167 -1.03 3.00 -29.53
N TYR A 168 -0.56 1.99 -28.80
CA TYR A 168 -1.08 1.69 -27.47
C TYR A 168 -0.14 0.82 -26.62
N LEU A 169 -0.55 0.55 -25.39
CA LEU A 169 0.22 -0.34 -24.54
C LEU A 169 -0.61 -1.55 -24.16
N PHE A 170 0.07 -2.65 -23.87
CA PHE A 170 -0.59 -3.89 -23.49
C PHE A 170 0.32 -4.67 -22.51
N ILE A 171 -0.25 -5.66 -21.84
CA ILE A 171 0.44 -6.38 -20.77
C ILE A 171 0.33 -7.88 -20.98
N THR A 172 1.43 -8.60 -20.82
CA THR A 172 1.39 -10.06 -20.94
C THR A 172 2.07 -10.71 -19.76
N THR A 173 1.80 -12.00 -19.60
CA THR A 173 2.53 -12.85 -18.66
C THR A 173 3.88 -13.19 -19.26
N LYS A 174 4.74 -13.77 -18.43
CA LYS A 174 6.05 -14.24 -18.90
C LYS A 174 5.91 -15.24 -20.06
N ASP A 175 4.77 -15.93 -20.13
CA ASP A 175 4.56 -16.91 -21.20
C ASP A 175 3.89 -16.31 -22.45
N GLY A 176 3.71 -15.00 -22.47
CA GLY A 176 3.15 -14.29 -23.62
C GLY A 176 1.64 -14.23 -23.68
N VAL A 177 0.95 -14.76 -22.66
CA VAL A 177 -0.50 -14.65 -22.58
C VAL A 177 -0.91 -13.19 -22.27
N THR A 178 -1.85 -12.66 -23.05
CA THR A 178 -2.31 -11.29 -22.90
C THR A 178 -3.29 -11.17 -21.74
N ILE A 179 -3.00 -10.25 -20.81
CA ILE A 179 -3.89 -10.05 -19.67
C ILE A 179 -4.41 -8.62 -19.59
N ALA A 180 -3.94 -7.75 -20.48
CA ALA A 180 -4.51 -6.41 -20.62
C ALA A 180 -4.25 -5.84 -22.02
N HIS A 181 -5.29 -5.23 -22.59
CA HIS A 181 -5.25 -4.71 -23.95
C HIS A 181 -6.47 -3.82 -24.15
N PRO A 182 -6.32 -2.67 -24.82
CA PRO A 182 -7.47 -1.78 -25.03
C PRO A 182 -8.66 -2.48 -25.69
N ASN A 183 -8.38 -3.53 -26.45
CA ASN A 183 -9.40 -4.44 -26.92
C ASN A 183 -9.32 -5.74 -26.11
N ALA A 184 -10.20 -5.86 -25.12
CA ALA A 184 -10.18 -6.97 -24.18
C ALA A 184 -10.47 -8.34 -24.83
N GLU A 185 -11.03 -8.34 -26.04
CA GLU A 185 -11.09 -9.55 -26.85
C GLU A 185 -9.75 -10.31 -26.95
N ASN A 186 -8.63 -9.59 -26.90
CA ASN A 186 -7.32 -10.25 -26.98
C ASN A 186 -6.87 -10.86 -25.65
N ASN A 187 -7.49 -10.49 -24.54
CA ASN A 187 -7.11 -11.04 -23.24
C ASN A 187 -7.30 -12.56 -23.17
N GLY A 188 -6.29 -13.25 -22.66
CA GLY A 188 -6.32 -14.70 -22.58
C GLY A 188 -5.61 -15.34 -23.77
N GLU A 189 -5.35 -14.53 -24.79
CA GLU A 189 -4.70 -14.98 -26.01
C GLU A 189 -3.22 -14.63 -26.01
N LYS A 190 -2.40 -15.42 -26.71
CA LYS A 190 -1.01 -15.04 -26.97
C LYS A 190 -0.96 -13.70 -27.70
N PHE A 191 -0.02 -12.83 -27.32
CA PHE A 191 0.03 -11.52 -27.94
C PHE A 191 0.36 -11.60 -29.43
N SER A 192 0.99 -12.70 -29.84
CA SER A 192 1.38 -12.89 -31.24
C SER A 192 0.16 -12.95 -32.16
N GLN A 193 -1.00 -13.25 -31.57
CA GLN A 193 -2.27 -13.18 -32.29
C GLN A 193 -2.55 -11.81 -32.94
N PHE A 194 -2.19 -10.72 -32.27
CA PHE A 194 -2.39 -9.39 -32.84
C PHE A 194 -1.05 -8.75 -33.19
N LEU A 195 0.03 -9.33 -32.69
CA LEU A 195 1.34 -8.79 -32.94
C LEU A 195 2.35 -9.88 -33.26
N PRO A 196 2.22 -10.51 -34.45
CA PRO A 196 3.11 -11.64 -34.75
C PRO A 196 4.55 -11.22 -35.02
N ASN A 197 5.44 -12.20 -34.98
CA ASN A 197 6.85 -12.01 -35.30
C ASN A 197 7.55 -11.00 -34.41
N VAL A 198 7.07 -10.88 -33.18
CA VAL A 198 7.73 -10.08 -32.16
C VAL A 198 8.16 -10.95 -30.97
N ASP A 199 9.40 -10.76 -30.54
CA ASP A 199 9.91 -11.51 -29.41
C ASP A 199 9.51 -10.91 -28.09
N LEU A 200 9.20 -11.77 -27.14
CA LEU A 200 8.97 -11.32 -25.77
C LEU A 200 10.35 -11.06 -25.17
N LYS A 201 10.82 -9.84 -25.27
CA LYS A 201 12.18 -9.50 -24.85
C LYS A 201 12.20 -8.03 -24.50
N GLU A 202 12.91 -7.68 -23.43
CA GLU A 202 13.10 -6.28 -23.11
C GLU A 202 13.89 -5.67 -24.24
N GLY A 203 13.53 -4.46 -24.65
CA GLY A 203 14.23 -3.81 -25.74
C GLY A 203 13.32 -3.22 -26.82
N THR A 204 13.89 -2.99 -27.99
CA THR A 204 13.19 -2.32 -29.08
C THR A 204 13.21 -3.19 -30.34
N GLN A 205 12.05 -3.31 -30.98
CA GLN A 205 11.90 -4.09 -32.20
C GLN A 205 11.10 -3.32 -33.23
N ARG A 206 11.42 -3.55 -34.51
CA ARG A 206 10.68 -2.97 -35.62
C ARG A 206 10.24 -4.09 -36.56
N ILE A 207 8.97 -4.16 -36.89
CA ILE A 207 8.52 -5.20 -37.81
C ILE A 207 7.57 -4.64 -38.86
N GLU A 208 7.43 -5.37 -39.97
CA GLU A 208 6.49 -4.98 -41.01
C GLU A 208 5.36 -5.99 -41.11
N LEU A 209 4.14 -5.54 -40.85
CA LEU A 209 2.96 -6.37 -40.99
C LEU A 209 1.91 -5.67 -41.83
N ASP A 210 1.38 -6.36 -42.84
CA ASP A 210 0.34 -5.82 -43.70
C ASP A 210 0.89 -4.56 -44.38
N GLY A 211 2.08 -4.71 -44.96
CA GLY A 211 2.81 -3.59 -45.54
C GLY A 211 2.85 -2.34 -44.68
N LYS A 212 2.86 -2.53 -43.37
CA LYS A 212 2.81 -1.43 -42.40
C LYS A 212 3.90 -1.62 -41.36
N TYR A 213 4.48 -0.53 -40.90
CA TYR A 213 5.66 -0.61 -40.06
C TYR A 213 5.38 -0.24 -38.61
N TYR A 214 5.85 -1.07 -37.70
CA TYR A 214 5.54 -0.87 -36.29
C TYR A 214 6.81 -0.81 -35.44
N LEU A 215 6.73 -0.06 -34.36
CA LEU A 215 7.79 0.00 -33.38
C LEU A 215 7.25 -0.59 -32.08
N VAL A 216 7.98 -1.57 -31.52
CA VAL A 216 7.60 -2.19 -30.26
C VAL A 216 8.70 -2.10 -29.22
N LYS A 217 8.32 -1.68 -28.01
CA LYS A 217 9.22 -1.73 -26.86
C LYS A 217 8.56 -2.50 -25.72
N PHE A 218 9.36 -3.32 -25.05
CA PHE A 218 8.89 -4.14 -23.92
C PHE A 218 9.68 -3.83 -22.66
N ALA A 219 8.97 -3.57 -21.56
CA ALA A 219 9.61 -3.55 -20.25
C ALA A 219 8.99 -4.65 -19.39
N GLN A 220 9.80 -5.23 -18.51
CA GLN A 220 9.30 -6.26 -17.61
C GLN A 220 8.93 -5.64 -16.28
N VAL A 221 7.89 -6.18 -15.63
CA VAL A 221 7.61 -5.88 -14.23
C VAL A 221 8.15 -7.05 -13.40
N PRO A 222 9.36 -6.91 -12.84
CA PRO A 222 10.12 -8.04 -12.29
C PRO A 222 9.44 -8.87 -11.17
N SER A 223 8.76 -8.24 -10.23
CA SER A 223 8.20 -9.04 -9.13
C SER A 223 7.00 -9.91 -9.60
N GLU A 224 6.39 -9.60 -10.75
CA GLU A 224 5.36 -10.48 -11.31
C GLU A 224 5.84 -11.22 -12.54
N SER A 225 6.99 -10.78 -13.06
CA SER A 225 7.53 -11.23 -14.33
C SER A 225 6.58 -10.98 -15.49
N TRP A 226 5.72 -9.96 -15.38
CA TRP A 226 4.88 -9.53 -16.51
C TRP A 226 5.69 -8.67 -17.47
N TYR A 227 5.28 -8.65 -18.73
CA TYR A 227 5.88 -7.77 -19.72
C TYR A 227 4.87 -6.70 -20.15
N ILE A 228 5.28 -5.44 -20.10
CA ILE A 228 4.49 -4.34 -20.66
C ILE A 228 4.96 -4.07 -22.07
N GLY A 229 4.06 -4.15 -23.04
CA GLY A 229 4.40 -3.83 -24.42
C GLY A 229 3.88 -2.46 -24.85
N ALA A 230 4.67 -1.76 -25.63
CA ALA A 230 4.27 -0.50 -26.23
C ALA A 230 4.48 -0.56 -27.75
N VAL A 231 3.40 -0.42 -28.50
CA VAL A 231 3.47 -0.56 -29.95
C VAL A 231 2.91 0.68 -30.66
N VAL A 232 3.61 1.15 -31.68
CA VAL A 232 3.12 2.25 -32.49
C VAL A 232 3.26 1.97 -33.99
N ASP A 233 2.31 2.46 -34.76
CA ASP A 233 2.52 2.64 -36.19
C ASP A 233 3.62 3.70 -36.36
N GLU A 234 4.79 3.27 -36.81
CA GLU A 234 5.95 4.14 -36.85
C GLU A 234 5.87 5.24 -37.92
N SER A 235 5.09 4.99 -38.96
CA SER A 235 4.89 6.01 -39.99
C SER A 235 4.08 7.14 -39.41
N ILE A 236 3.01 6.79 -38.71
CA ILE A 236 2.16 7.82 -38.13
C ILE A 236 2.94 8.58 -37.05
N ALA A 237 3.71 7.87 -36.24
CA ALA A 237 4.53 8.52 -35.21
C ALA A 237 5.57 9.45 -35.84
N PHE A 238 6.19 8.99 -36.92
CA PHE A 238 7.19 9.78 -37.62
C PHE A 238 6.58 11.11 -38.06
N ALA A 239 5.32 11.05 -38.51
CA ALA A 239 4.62 12.24 -38.98
C ALA A 239 4.23 13.17 -37.85
N MET A 240 4.00 12.64 -36.66
CA MET A 240 3.61 13.48 -35.53
C MET A 240 4.81 14.18 -34.90
N VAL A 241 5.96 13.51 -34.91
CA VAL A 241 7.18 14.14 -34.41
C VAL A 241 7.66 15.18 -35.42
N ASP A 242 7.54 14.86 -36.70
CA ASP A 242 7.87 15.81 -37.75
C ASP A 242 6.68 16.72 -38.04
N GLY B 4 13.67 40.59 -6.93
CA GLY B 4 14.78 40.18 -7.77
C GLY B 4 14.61 38.78 -8.33
N SER B 5 15.32 38.50 -9.42
CA SER B 5 15.21 37.20 -10.08
C SER B 5 15.90 36.08 -9.29
N VAL B 6 17.02 36.37 -8.66
CA VAL B 6 17.71 35.34 -7.89
C VAL B 6 16.80 34.86 -6.75
N ARG B 7 16.07 35.79 -6.17
CA ARG B 7 15.22 35.52 -5.02
C ARG B 7 14.03 34.63 -5.42
N GLU B 8 13.49 34.87 -6.61
CA GLU B 8 12.38 34.08 -7.12
C GLU B 8 12.86 32.69 -7.57
N GLU B 9 14.08 32.60 -8.07
CA GLU B 9 14.66 31.28 -8.39
C GLU B 9 14.79 30.38 -7.16
N ILE B 10 15.24 30.97 -6.05
CA ILE B 10 15.37 30.29 -4.78
C ILE B 10 14.01 29.78 -4.30
N GLU B 11 13.00 30.64 -4.44
CA GLU B 11 11.64 30.34 -4.07
C GLU B 11 11.14 29.16 -4.90
N SER B 12 11.51 29.14 -6.18
CA SER B 12 11.10 28.09 -7.09
C SER B 12 11.75 26.74 -6.78
N LEU B 13 13.02 26.77 -6.39
CA LEU B 13 13.74 25.56 -6.01
C LEU B 13 13.24 25.00 -4.69
N VAL B 14 12.86 25.89 -3.80
CA VAL B 14 12.33 25.46 -2.51
C VAL B 14 10.99 24.79 -2.81
N GLN B 15 10.23 25.39 -3.73
CA GLN B 15 8.94 24.83 -4.08
C GLN B 15 9.07 23.40 -4.65
N ASP B 16 10.05 23.18 -5.52
CA ASP B 16 10.28 21.84 -6.08
C ASP B 16 10.65 20.83 -4.99
N SER B 17 11.40 21.27 -3.99
CA SER B 17 11.80 20.31 -2.98
C SER B 17 10.63 20.01 -2.03
N LEU B 18 9.78 21.02 -1.87
CA LEU B 18 8.57 20.91 -1.07
C LEU B 18 7.54 19.98 -1.74
N MET B 19 7.36 20.09 -3.05
CA MET B 19 6.36 19.29 -3.74
C MET B 19 6.80 17.84 -3.74
N GLU B 20 8.11 17.64 -3.84
CA GLU B 20 8.68 16.30 -3.92
C GLU B 20 8.57 15.61 -2.57
N MET B 21 8.69 16.40 -1.49
CA MET B 21 8.51 15.89 -0.13
C MET B 21 7.02 15.56 0.17
N VAL B 22 6.11 16.40 -0.32
CA VAL B 22 4.68 16.13 -0.21
C VAL B 22 4.37 14.78 -0.83
N LYS B 23 4.81 14.61 -2.08
CA LYS B 23 4.57 13.38 -2.82
C LYS B 23 5.24 12.17 -2.15
N GLY B 24 6.41 12.37 -1.56
CA GLY B 24 7.11 11.32 -0.84
C GLY B 24 6.41 10.89 0.46
N VAL B 25 5.82 11.85 1.17
CA VAL B 25 5.02 11.52 2.35
C VAL B 25 3.80 10.67 1.95
N LYS B 26 3.07 11.13 0.93
CA LYS B 26 1.94 10.36 0.42
C LYS B 26 2.31 8.94 -0.03
N ASN B 27 3.47 8.79 -0.66
CA ASN B 27 3.81 7.48 -1.20
C ASN B 27 4.45 6.51 -0.19
N THR B 28 4.87 7.02 0.95
CA THR B 28 5.37 6.12 1.97
C THR B 28 4.30 5.98 3.07
N ILE B 29 4.18 6.98 3.94
CA ILE B 29 3.23 6.99 5.06
C ILE B 29 1.78 6.66 4.69
N GLU B 30 1.24 7.28 3.64
CA GLU B 30 -0.20 7.11 3.38
C GLU B 30 -0.55 5.76 2.78
N SER B 31 0.29 5.23 1.90
CA SER B 31 0.03 3.92 1.33
C SER B 31 0.27 2.86 2.39
N ASP B 32 1.29 3.07 3.22
CA ASP B 32 1.52 2.21 4.36
C ASP B 32 0.29 2.23 5.28
N LEU B 33 -0.21 3.42 5.59
CA LEU B 33 -1.43 3.56 6.38
C LEU B 33 -2.66 2.91 5.73
N ALA B 34 -2.76 2.99 4.40
CA ALA B 34 -3.91 2.41 3.72
C ALA B 34 -3.92 0.90 3.91
N SER B 35 -2.76 0.29 3.69
CA SER B 35 -2.57 -1.14 3.95
C SER B 35 -2.82 -1.56 5.41
N LYS B 36 -2.35 -0.77 6.36
CA LYS B 36 -2.51 -1.11 7.76
C LYS B 36 -3.96 -0.95 8.21
N LYS B 37 -4.73 -0.15 7.49
CA LYS B 37 -6.11 0.13 7.86
C LYS B 37 -7.00 -1.07 7.57
N GLY B 38 -6.72 -1.76 6.47
CA GLY B 38 -7.51 -2.92 6.10
C GLY B 38 -7.21 -4.06 7.05
N LEU B 39 -5.94 -4.19 7.42
CA LEU B 39 -5.51 -5.19 8.38
C LEU B 39 -6.15 -4.94 9.74
N ALA B 40 -6.16 -3.68 10.15
CA ALA B 40 -6.73 -3.32 11.45
C ALA B 40 -8.25 -3.57 11.46
N GLN B 41 -8.91 -3.24 10.35
CA GLN B 41 -10.34 -3.43 10.20
C GLN B 41 -10.73 -4.92 10.31
N SER B 42 -9.98 -5.78 9.62
CA SER B 42 -10.29 -7.21 9.60
C SER B 42 -10.03 -7.85 10.96
N THR B 43 -8.91 -7.51 11.56
CA THR B 43 -8.57 -7.97 12.88
C THR B 43 -9.67 -7.63 13.87
N THR B 44 -10.20 -6.41 13.76
CA THR B 44 -11.31 -5.96 14.59
C THR B 44 -12.58 -6.78 14.33
N GLU B 45 -12.90 -7.05 13.07
CA GLU B 45 -14.07 -7.85 12.78
C GLU B 45 -13.90 -9.29 13.25
N ILE B 46 -12.68 -9.80 13.23
CA ILE B 46 -12.45 -11.16 13.71
C ILE B 46 -12.62 -11.22 15.25
N LEU B 47 -12.07 -10.25 15.97
CA LEU B 47 -12.27 -10.20 17.41
C LEU B 47 -13.75 -9.99 17.78
N GLN B 48 -14.54 -9.50 16.85
CA GLN B 48 -15.96 -9.31 17.12
C GLN B 48 -16.74 -10.62 17.00
N LEU B 49 -16.03 -11.72 16.81
CA LEU B 49 -16.63 -13.05 16.80
C LEU B 49 -16.73 -13.54 18.24
N ASP B 50 -15.87 -13.02 19.12
CA ASP B 50 -15.93 -13.31 20.55
C ASP B 50 -15.29 -12.23 21.43
N PRO B 51 -15.84 -11.00 21.39
CA PRO B 51 -15.19 -9.77 21.88
C PRO B 51 -14.69 -9.78 23.32
N THR B 52 -15.47 -10.34 24.24
CA THR B 52 -15.13 -10.28 25.67
C THR B 52 -13.96 -11.20 26.01
N ASN B 53 -13.80 -12.26 25.23
CA ASN B 53 -12.81 -13.29 25.54
C ASN B 53 -11.38 -12.82 25.37
N LYS B 54 -10.77 -12.42 26.47
CA LYS B 54 -9.40 -11.93 26.51
C LYS B 54 -8.35 -12.93 26.02
N ALA B 55 -8.64 -14.22 26.13
CA ALA B 55 -7.66 -15.24 25.76
C ALA B 55 -7.56 -15.39 24.25
N PHE B 56 -8.70 -15.19 23.59
CA PHE B 56 -8.80 -15.23 22.14
C PHE B 56 -8.14 -13.99 21.51
N ALA B 57 -8.63 -12.82 21.90
CA ALA B 57 -8.03 -11.56 21.49
C ALA B 57 -6.51 -11.60 21.67
N LYS B 58 -6.08 -12.19 22.78
CA LYS B 58 -4.65 -12.28 23.07
C LYS B 58 -3.93 -13.14 22.03
N SER B 59 -4.54 -14.27 21.70
CA SER B 59 -3.94 -15.17 20.72
C SER B 59 -3.86 -14.54 19.34
N VAL B 60 -4.88 -13.77 18.98
CA VAL B 60 -4.92 -13.10 17.69
C VAL B 60 -3.84 -12.03 17.61
N LEU B 61 -3.74 -11.22 18.66
CA LEU B 61 -2.76 -10.14 18.70
C LEU B 61 -1.31 -10.62 18.78
N GLU B 62 -1.09 -11.87 19.19
CA GLU B 62 0.29 -12.37 19.26
C GLU B 62 0.68 -13.20 18.01
N SER B 63 -0.27 -13.43 17.11
CA SER B 63 0.04 -14.04 15.83
C SER B 63 1.10 -13.17 15.13
N PRO B 64 2.17 -13.79 14.62
CA PRO B 64 3.42 -13.10 14.26
C PRO B 64 3.32 -12.05 13.13
N ASN B 65 2.46 -12.22 12.13
CA ASN B 65 2.39 -11.22 11.08
C ASN B 65 1.84 -9.88 11.60
N LEU B 66 0.70 -9.97 12.31
CA LEU B 66 0.12 -8.87 13.07
C LEU B 66 1.06 -8.22 14.07
N LYS B 67 1.69 -9.05 14.89
CA LYS B 67 2.65 -8.57 15.86
C LYS B 67 3.79 -7.81 15.19
N GLY B 68 4.17 -8.22 13.99
CA GLY B 68 5.21 -7.52 13.27
C GLY B 68 4.79 -6.38 12.35
N SER B 69 3.48 -6.16 12.17
CA SER B 69 3.04 -5.11 11.25
C SER B 69 2.78 -3.78 11.97
N PHE B 70 2.78 -3.85 13.29
CA PHE B 70 2.52 -2.68 14.11
C PHE B 70 3.50 -2.62 15.26
N LEU B 71 3.76 -1.41 15.73
CA LEU B 71 4.56 -1.18 16.93
C LEU B 71 4.04 -2.01 18.09
N ALA B 72 2.72 -1.98 18.25
CA ALA B 72 2.01 -2.72 19.27
C ALA B 72 0.52 -2.61 19.02
N ILE B 73 -0.25 -3.61 19.43
CA ILE B 73 -1.70 -3.60 19.31
C ILE B 73 -2.33 -3.94 20.67
N GLY B 74 -3.50 -3.39 20.95
CA GLY B 74 -4.13 -3.66 22.22
C GLY B 74 -5.61 -3.45 22.14
N LEU B 75 -6.31 -4.12 23.04
CA LEU B 75 -7.74 -3.94 23.14
C LEU B 75 -8.07 -3.54 24.58
N GLY B 76 -8.72 -2.39 24.75
CA GLY B 76 -9.08 -1.91 26.07
C GLY B 76 -10.57 -2.05 26.24
N TYR B 77 -11.01 -2.55 27.40
CA TYR B 77 -12.41 -2.94 27.58
C TYR B 77 -13.27 -1.87 28.27
N GLU B 78 -14.50 -1.69 27.79
CA GLU B 78 -15.47 -0.75 28.36
C GLU B 78 -15.72 -0.93 29.86
N SER B 79 -15.55 -2.16 30.36
CA SER B 79 -15.96 -2.50 31.71
C SER B 79 -14.79 -2.69 32.67
N ASP B 80 -13.62 -2.18 32.30
CA ASP B 80 -12.52 -1.92 33.22
C ASP B 80 -11.39 -1.20 32.49
N ALA B 81 -10.31 -0.94 33.20
CA ALA B 81 -9.16 -0.33 32.57
C ALA B 81 -8.13 -1.39 32.23
N THR B 82 -8.58 -2.58 31.81
CA THR B 82 -7.64 -3.61 31.43
C THR B 82 -7.45 -3.62 29.92
N VAL B 83 -6.23 -3.97 29.52
CA VAL B 83 -5.82 -3.97 28.14
C VAL B 83 -5.23 -5.31 27.77
N VAL B 84 -5.80 -5.96 26.77
CA VAL B 84 -5.14 -7.11 26.16
C VAL B 84 -4.21 -6.58 25.06
N GLU B 85 -2.91 -6.79 25.27
CA GLU B 85 -1.84 -6.14 24.54
C GLU B 85 -0.85 -7.15 23.97
N ASN B 86 -0.03 -6.72 23.00
CA ASN B 86 1.02 -7.59 22.47
C ASN B 86 2.40 -6.97 22.59
N ASP B 87 2.47 -5.89 23.35
CA ASP B 87 3.72 -5.16 23.57
C ASP B 87 4.57 -5.86 24.64
N ASP B 88 5.67 -6.46 24.20
CA ASP B 88 6.52 -7.24 25.08
C ASP B 88 7.27 -6.37 26.08
N GLY B 89 7.62 -5.16 25.64
CA GLY B 89 8.45 -4.26 26.40
C GLY B 89 7.67 -3.25 27.21
N TRP B 90 6.39 -3.50 27.44
CA TRP B 90 5.53 -2.61 28.21
C TRP B 90 4.38 -3.35 28.87
N GLU B 91 3.96 -2.87 30.04
CA GLU B 91 2.79 -3.38 30.75
C GLU B 91 2.02 -2.21 31.36
N PRO B 92 0.68 -2.31 31.41
CA PRO B 92 -0.12 -1.16 31.86
C PRO B 92 0.04 -0.88 33.35
N ASN B 93 0.77 0.17 33.70
CA ASN B 93 0.99 0.58 35.08
C ASN B 93 -0.32 0.80 35.85
N ALA B 94 -0.21 0.88 37.17
CA ALA B 94 -1.35 0.92 38.10
C ALA B 94 -2.50 1.80 37.60
N ASP B 95 -2.17 3.02 37.23
CA ASP B 95 -3.11 3.83 36.50
C ASP B 95 -2.77 3.77 35.01
N TYR B 96 -3.74 3.29 34.25
CA TYR B 96 -3.79 3.43 32.82
C TYR B 96 -5.25 3.16 32.50
N ASP B 97 -5.95 4.16 31.98
CA ASP B 97 -7.34 3.96 31.66
C ASP B 97 -7.54 4.17 30.16
N PRO B 98 -7.56 3.05 29.42
CA PRO B 98 -7.74 3.02 27.95
C PRO B 98 -8.88 3.91 27.52
N ARG B 99 -9.95 3.91 28.31
CA ARG B 99 -11.18 4.63 28.03
C ARG B 99 -10.98 6.14 27.86
N LYS B 100 -9.81 6.64 28.25
CA LYS B 100 -9.53 8.06 28.19
C LYS B 100 -8.26 8.40 27.38
N ARG B 101 -7.86 7.49 26.49
CA ARG B 101 -6.78 7.73 25.55
C ARG B 101 -7.39 8.11 24.19
N PRO B 102 -6.65 8.87 23.37
CA PRO B 102 -7.18 9.44 22.11
C PRO B 102 -7.73 8.39 21.14
N TRP B 103 -7.01 7.28 20.97
CA TRP B 103 -7.47 6.23 20.07
C TRP B 103 -8.83 5.69 20.51
N TYR B 104 -9.02 5.57 21.81
CA TYR B 104 -10.27 5.03 22.35
C TYR B 104 -11.40 6.03 22.19
N VAL B 105 -11.18 7.25 22.68
CA VAL B 105 -12.18 8.31 22.60
C VAL B 105 -12.59 8.58 21.16
N ASP B 106 -11.60 8.77 20.28
CA ASP B 106 -11.91 9.00 18.87
C ASP B 106 -12.73 7.86 18.27
N ALA B 107 -12.37 6.62 18.60
CA ALA B 107 -13.08 5.44 18.09
C ALA B 107 -14.51 5.34 18.66
N LYS B 108 -14.64 5.56 19.96
CA LYS B 108 -15.97 5.55 20.55
C LYS B 108 -16.82 6.69 20.02
N ARG B 109 -16.23 7.87 19.90
CA ARG B 109 -16.95 9.01 19.35
C ARG B 109 -17.48 8.75 17.93
N GLU B 110 -16.63 8.23 17.05
CA GLU B 110 -17.00 8.13 15.64
C GLU B 110 -17.68 6.81 15.26
N ARG B 111 -17.66 5.84 16.16
CA ARG B 111 -18.24 4.52 15.88
C ARG B 111 -17.63 3.94 14.59
N LYS B 112 -16.32 4.08 14.44
CA LYS B 112 -15.72 3.82 13.14
C LYS B 112 -14.22 3.73 13.27
N LEU B 113 -13.57 3.16 12.27
CA LEU B 113 -12.11 3.18 12.26
C LEU B 113 -11.65 4.63 12.15
N VAL B 114 -10.76 5.03 13.04
CA VAL B 114 -10.21 6.37 13.00
C VAL B 114 -8.68 6.30 12.95
N VAL B 115 -8.07 7.42 12.57
CA VAL B 115 -6.64 7.60 12.75
C VAL B 115 -6.42 8.84 13.63
N THR B 116 -5.67 8.67 14.71
CA THR B 116 -5.39 9.80 15.59
C THR B 116 -4.39 10.82 15.02
N GLU B 117 -4.41 12.00 15.61
CA GLU B 117 -3.32 12.96 15.52
C GLU B 117 -2.06 12.31 16.06
N PRO B 118 -0.88 12.72 15.56
CA PRO B 118 0.36 12.26 16.20
C PRO B 118 0.34 12.54 17.69
N TYR B 119 0.80 11.61 18.53
CA TYR B 119 0.75 11.82 19.98
C TYR B 119 1.82 11.07 20.75
N VAL B 120 2.13 11.57 21.93
CA VAL B 120 3.16 10.97 22.76
C VAL B 120 2.72 9.60 23.29
N ASP B 121 3.44 8.57 22.86
CA ASP B 121 3.16 7.19 23.27
C ASP B 121 3.53 6.95 24.75
N ILE B 122 2.71 6.21 25.47
CA ILE B 122 3.01 5.87 26.86
C ILE B 122 4.26 4.99 26.95
N SER B 123 4.39 4.06 26.01
CA SER B 123 5.47 3.07 26.06
C SER B 123 6.80 3.67 25.62
N THR B 124 6.93 3.92 24.33
CA THR B 124 8.17 4.37 23.72
C THR B 124 8.51 5.84 24.02
N LYS B 125 7.50 6.59 24.43
CA LYS B 125 7.62 8.03 24.70
C LYS B 125 7.95 8.85 23.45
N LYS B 126 8.03 8.20 22.30
CA LYS B 126 8.22 8.92 21.05
C LYS B 126 6.82 9.24 20.51
N ILE B 127 6.75 10.08 19.48
CA ILE B 127 5.47 10.44 18.90
C ILE B 127 5.10 9.52 17.73
N ILE B 128 3.87 9.03 17.76
CA ILE B 128 3.40 8.03 16.83
C ILE B 128 1.98 8.40 16.43
N ILE B 129 1.36 7.58 15.59
CA ILE B 129 -0.06 7.72 15.35
C ILE B 129 -0.71 6.37 15.58
N SER B 130 -2.01 6.37 15.78
CA SER B 130 -2.71 5.12 16.04
C SER B 130 -3.95 4.96 15.18
N ILE B 131 -4.15 3.74 14.70
CA ILE B 131 -5.44 3.41 14.15
C ILE B 131 -6.27 2.99 15.35
N GLY B 132 -7.49 3.51 15.43
CA GLY B 132 -8.40 3.19 16.52
C GLY B 132 -9.64 2.57 15.94
N THR B 133 -10.13 1.51 16.58
CA THR B 133 -11.34 0.86 16.08
C THR B 133 -12.31 0.60 17.22
N PRO B 134 -13.60 0.83 16.98
CA PRO B 134 -14.58 0.44 17.99
C PRO B 134 -14.81 -1.08 17.96
N VAL B 135 -14.85 -1.71 19.14
CA VAL B 135 -15.13 -3.14 19.25
C VAL B 135 -16.57 -3.35 19.69
N TYR B 136 -17.39 -3.93 18.82
CA TYR B 136 -18.81 -4.05 19.12
C TYR B 136 -19.26 -5.47 19.41
N GLN B 137 -20.46 -5.54 19.99
CA GLN B 137 -21.12 -6.81 20.27
C GLN B 137 -22.60 -6.56 20.37
N GLN B 138 -23.32 -6.79 19.28
CA GLN B 138 -24.77 -6.62 19.26
C GLN B 138 -25.12 -5.17 19.60
N SER B 139 -24.52 -4.24 18.85
CA SER B 139 -24.73 -2.80 19.01
C SER B 139 -24.15 -2.26 20.31
N ASN B 140 -23.64 -3.15 21.16
CA ASN B 140 -23.10 -2.76 22.47
C ASN B 140 -21.61 -2.43 22.38
N PHE B 141 -21.24 -1.21 22.74
CA PHE B 141 -19.83 -0.85 22.72
C PHE B 141 -19.10 -1.49 23.90
N VAL B 142 -18.13 -2.33 23.60
CA VAL B 142 -17.46 -3.08 24.66
C VAL B 142 -16.00 -2.69 24.80
N GLY B 143 -15.47 -1.96 23.83
CA GLY B 143 -14.10 -1.51 23.90
C GLY B 143 -13.59 -0.94 22.59
N ALA B 144 -12.33 -0.52 22.59
CA ALA B 144 -11.75 -0.04 21.35
C ALA B 144 -10.34 -0.56 21.23
N MET B 145 -9.81 -0.53 20.01
CA MET B 145 -8.46 -1.03 19.81
C MET B 145 -7.51 0.05 19.34
N PHE B 146 -6.24 -0.08 19.70
CA PHE B 146 -5.23 0.74 19.10
C PHE B 146 -4.33 -0.14 18.24
N TYR B 147 -3.84 0.43 17.15
CA TYR B 147 -2.83 -0.21 16.32
C TYR B 147 -1.77 0.86 16.11
N ASP B 148 -0.69 0.76 16.87
CA ASP B 148 0.32 1.79 16.85
C ASP B 148 1.24 1.71 15.63
N VAL B 149 1.51 2.88 15.05
CA VAL B 149 2.32 2.99 13.85
C VAL B 149 3.47 3.98 14.09
N GLU B 150 4.70 3.51 13.99
CA GLU B 150 5.87 4.38 14.14
C GLU B 150 6.03 5.35 12.96
N LEU B 151 6.45 6.58 13.23
CA LEU B 151 6.60 7.58 12.17
C LEU B 151 8.04 7.69 11.69
N THR B 152 8.72 6.55 11.65
CA THR B 152 10.15 6.50 11.41
C THR B 152 10.52 6.88 9.97
N GLN B 153 9.57 6.73 9.04
CA GLN B 153 9.79 7.11 7.66
C GLN B 153 9.89 8.65 7.53
N LEU B 154 9.18 9.37 8.39
CA LEU B 154 9.19 10.84 8.36
C LEU B 154 10.59 11.36 8.64
N ALA B 155 11.19 10.85 9.72
CA ALA B 155 12.55 11.21 10.08
C ALA B 155 13.50 10.86 8.94
N GLN B 156 13.22 9.76 8.24
CA GLN B 156 14.06 9.35 7.12
C GLN B 156 13.94 10.30 5.94
N LEU B 157 12.73 10.72 5.62
CA LEU B 157 12.50 11.67 4.54
C LEU B 157 13.21 12.99 4.80
N VAL B 158 13.08 13.49 6.02
CA VAL B 158 13.59 14.79 6.39
C VAL B 158 15.12 14.82 6.47
N ASN B 159 15.72 13.70 6.86
CA ASN B 159 17.18 13.63 6.98
C ASN B 159 17.87 13.29 5.67
N SER B 160 17.07 13.13 4.62
CA SER B 160 17.60 12.80 3.31
C SER B 160 17.64 14.01 2.40
N VAL B 161 17.11 15.14 2.85
CA VAL B 161 17.07 16.32 2.00
C VAL B 161 17.73 17.55 2.61
N ASN B 162 18.74 18.07 1.92
CA ASN B 162 19.37 19.31 2.30
C ASN B 162 19.20 20.37 1.21
N LEU B 163 18.44 21.43 1.51
CA LEU B 163 18.18 22.47 0.52
C LEU B 163 19.48 23.19 0.17
N PHE B 164 20.21 22.61 -0.78
CA PHE B 164 21.53 23.07 -1.24
C PHE B 164 22.36 23.76 -0.15
N ASP B 165 22.57 23.07 0.96
CA ASP B 165 23.38 23.55 2.08
C ASP B 165 22.93 24.90 2.64
N ALA B 166 21.69 25.29 2.35
CA ALA B 166 21.15 26.57 2.83
C ALA B 166 20.05 26.36 3.86
N GLY B 167 19.45 25.16 3.88
CA GLY B 167 18.37 24.89 4.80
C GLY B 167 17.89 23.46 4.76
N TYR B 168 16.64 23.26 5.15
CA TYR B 168 16.12 21.92 5.34
C TYR B 168 14.61 21.93 5.32
N LEU B 169 14.03 20.73 5.42
CA LEU B 169 12.60 20.59 5.56
C LEU B 169 12.30 20.01 6.92
N PHE B 170 11.06 20.21 7.37
CA PHE B 170 10.58 19.69 8.63
C PHE B 170 9.08 19.48 8.49
N ILE B 171 8.46 18.73 9.41
CA ILE B 171 7.04 18.41 9.30
C ILE B 171 6.33 18.72 10.60
N THR B 172 5.10 19.24 10.53
CA THR B 172 4.36 19.54 11.76
C THR B 172 2.93 19.07 11.66
N THR B 173 2.26 18.96 12.81
CA THR B 173 0.83 18.76 12.83
C THR B 173 0.09 20.04 12.44
N LYS B 174 -1.23 19.94 12.35
CA LYS B 174 -2.07 21.08 12.05
C LYS B 174 -2.05 22.09 13.20
N ASP B 175 -1.57 21.67 14.35
CA ASP B 175 -1.49 22.53 15.52
C ASP B 175 -0.08 23.06 15.75
N GLY B 176 0.82 22.86 14.79
CA GLY B 176 2.16 23.40 14.89
C GLY B 176 3.17 22.54 15.64
N VAL B 177 2.78 21.33 16.03
CA VAL B 177 3.72 20.47 16.72
C VAL B 177 4.63 19.74 15.73
N THR B 178 5.92 19.89 15.95
CA THR B 178 6.95 19.30 15.11
C THR B 178 7.00 17.80 15.28
N ILE B 179 6.89 17.06 14.18
CA ILE B 179 6.99 15.60 14.29
C ILE B 179 8.15 15.04 13.49
N ALA B 180 8.83 15.88 12.71
CA ALA B 180 10.01 15.45 11.99
C ALA B 180 10.93 16.66 11.75
N HIS B 181 12.18 16.52 12.12
CA HIS B 181 13.12 17.63 12.04
C HIS B 181 14.52 17.01 12.04
N PRO B 182 15.42 17.54 11.18
CA PRO B 182 16.83 17.13 11.15
C PRO B 182 17.45 17.09 12.54
N ASN B 183 17.11 18.07 13.37
CA ASN B 183 17.40 17.99 14.80
C ASN B 183 16.21 17.41 15.54
N ALA B 184 16.25 16.10 15.82
CA ALA B 184 15.10 15.40 16.41
C ALA B 184 14.71 15.93 17.78
N GLU B 185 15.60 16.66 18.43
CA GLU B 185 15.29 17.27 19.72
C GLU B 185 14.21 18.34 19.61
N ASN B 186 13.89 18.72 18.37
CA ASN B 186 12.78 19.64 18.13
C ASN B 186 11.42 18.94 18.11
N ASN B 187 11.38 17.61 18.00
CA ASN B 187 10.07 16.96 17.89
C ASN B 187 9.30 17.05 19.20
N GLY B 188 7.99 17.18 19.08
CA GLY B 188 7.12 17.34 20.23
C GLY B 188 6.99 18.78 20.69
N GLU B 189 7.78 19.67 20.12
CA GLU B 189 7.69 21.09 20.49
C GLU B 189 7.02 21.88 19.38
N LYS B 190 6.40 23.01 19.70
CA LYS B 190 5.81 23.83 18.65
C LYS B 190 6.94 24.39 17.78
N PHE B 191 6.74 24.42 16.47
CA PHE B 191 7.79 24.82 15.55
C PHE B 191 8.20 26.29 15.76
N SER B 192 7.37 27.07 16.45
CA SER B 192 7.64 28.49 16.71
C SER B 192 8.87 28.68 17.56
N GLN B 193 9.22 27.63 18.33
CA GLN B 193 10.37 27.68 19.23
C GLN B 193 11.66 27.85 18.44
N PHE B 194 11.73 27.30 17.24
CA PHE B 194 12.92 27.50 16.41
C PHE B 194 12.63 28.39 15.20
N LEU B 195 11.36 28.58 14.84
CA LEU B 195 11.02 29.44 13.70
C LEU B 195 9.90 30.45 14.01
N PRO B 196 10.20 31.47 14.82
CA PRO B 196 9.16 32.43 15.23
C PRO B 196 8.74 33.38 14.10
N ASN B 197 7.57 33.99 14.28
CA ASN B 197 6.97 34.94 13.34
C ASN B 197 6.66 34.34 11.98
N VAL B 198 6.38 33.04 11.98
CA VAL B 198 5.94 32.32 10.79
C VAL B 198 4.54 31.77 11.03
N ASP B 199 3.62 32.03 10.10
CA ASP B 199 2.27 31.51 10.21
C ASP B 199 2.20 30.12 9.61
N LEU B 200 1.45 29.25 10.27
CA LEU B 200 1.20 27.90 9.76
C LEU B 200 0.16 28.01 8.66
N LYS B 201 0.64 28.24 7.46
CA LYS B 201 -0.21 28.48 6.32
C LYS B 201 0.63 28.30 5.09
N GLU B 202 -0.02 27.96 3.99
CA GLU B 202 0.67 27.63 2.77
C GLU B 202 1.01 28.94 2.11
N GLY B 203 2.09 28.97 1.34
CA GLY B 203 2.54 30.21 0.73
C GLY B 203 3.84 30.72 1.30
N THR B 204 4.53 31.58 0.55
CA THR B 204 5.88 32.03 0.87
C THR B 204 5.94 33.15 1.92
N GLN B 205 6.77 32.97 2.94
CA GLN B 205 6.99 33.96 3.98
C GLN B 205 8.48 34.28 4.10
N ARG B 206 8.79 35.52 4.37
CA ARG B 206 10.17 35.90 4.63
C ARG B 206 10.22 36.47 6.02
N ILE B 207 11.18 36.00 6.80
CA ILE B 207 11.27 36.45 8.17
C ILE B 207 12.68 36.91 8.49
N GLU B 208 12.78 37.71 9.53
CA GLU B 208 14.06 38.10 10.04
C GLU B 208 14.22 37.37 11.36
N LEU B 209 15.37 36.74 11.54
CA LEU B 209 15.62 36.10 12.82
C LEU B 209 17.07 36.36 13.20
N ASP B 210 17.24 37.15 14.27
CA ASP B 210 18.56 37.60 14.70
C ASP B 210 19.33 38.29 13.58
N GLY B 211 18.66 39.26 12.96
CA GLY B 211 19.27 40.07 11.94
C GLY B 211 19.51 39.35 10.63
N LYS B 212 19.23 38.05 10.60
CA LYS B 212 19.35 37.27 9.37
C LYS B 212 17.98 36.97 8.76
N TYR B 213 17.98 36.66 7.48
CA TYR B 213 16.75 36.55 6.70
C TYR B 213 16.50 35.13 6.23
N TYR B 214 15.29 34.67 6.44
CA TYR B 214 14.93 33.31 6.08
C TYR B 214 13.70 33.29 5.17
N LEU B 215 13.68 32.35 4.25
CA LEU B 215 12.49 32.13 3.44
C LEU B 215 11.85 30.79 3.86
N VAL B 216 10.55 30.81 4.12
CA VAL B 216 9.82 29.63 4.57
C VAL B 216 8.64 29.35 3.68
N LYS B 217 8.48 28.09 3.30
CA LYS B 217 7.29 27.70 2.57
C LYS B 217 6.65 26.44 3.15
N PHE B 218 5.34 26.48 3.29
CA PHE B 218 4.57 25.36 3.78
C PHE B 218 3.68 24.78 2.69
N ALA B 219 3.58 23.45 2.65
CA ALA B 219 2.51 22.77 1.93
C ALA B 219 1.88 21.80 2.88
N GLN B 220 0.61 21.51 2.66
CA GLN B 220 -0.14 20.67 3.55
C GLN B 220 -0.24 19.25 2.98
N VAL B 221 -0.34 18.27 3.86
CA VAL B 221 -0.65 16.90 3.45
C VAL B 221 -2.08 16.65 3.91
N PRO B 222 -3.05 16.85 3.01
CA PRO B 222 -4.44 17.03 3.42
C PRO B 222 -5.07 15.86 4.16
N SER B 223 -4.76 14.62 3.79
CA SER B 223 -5.42 13.46 4.43
C SER B 223 -5.00 13.30 5.89
N GLU B 224 -3.84 13.82 6.25
CA GLU B 224 -3.39 13.84 7.64
C GLU B 224 -3.45 15.25 8.21
N SER B 225 -3.63 16.24 7.34
CA SER B 225 -3.50 17.64 7.71
C SER B 225 -2.19 17.90 8.43
N TRP B 226 -1.11 17.30 7.96
CA TRP B 226 0.21 17.72 8.41
C TRP B 226 0.65 18.87 7.52
N TYR B 227 1.59 19.67 8.02
CA TYR B 227 2.26 20.68 7.23
C TYR B 227 3.70 20.26 7.01
N ILE B 228 4.16 20.42 5.77
CA ILE B 228 5.56 20.29 5.44
C ILE B 228 6.16 21.66 5.30
N GLY B 229 7.22 21.93 6.04
CA GLY B 229 7.86 23.22 5.93
C GLY B 229 9.23 23.11 5.28
N ALA B 230 9.58 24.15 4.53
CA ALA B 230 10.91 24.26 3.95
C ALA B 230 11.43 25.62 4.34
N VAL B 231 12.63 25.66 4.92
CA VAL B 231 13.22 26.90 5.36
C VAL B 231 14.66 27.02 4.84
N VAL B 232 14.99 28.15 4.22
CA VAL B 232 16.37 28.41 3.82
C VAL B 232 16.92 29.72 4.39
N ASP B 233 18.19 29.69 4.72
CA ASP B 233 18.95 30.89 4.99
C ASP B 233 19.10 31.62 3.67
N GLU B 234 18.47 32.78 3.54
CA GLU B 234 18.43 33.49 2.26
C GLU B 234 19.77 34.03 1.80
N SER B 235 20.61 34.48 2.72
CA SER B 235 21.93 34.95 2.33
C SER B 235 22.72 33.83 1.66
N ILE B 236 22.99 32.76 2.41
CA ILE B 236 23.69 31.59 1.91
C ILE B 236 23.15 31.09 0.57
N ALA B 237 21.84 30.93 0.47
CA ALA B 237 21.21 30.43 -0.74
C ALA B 237 21.35 31.39 -1.91
N PHE B 238 21.38 32.69 -1.61
CA PHE B 238 21.58 33.69 -2.64
C PHE B 238 22.98 33.52 -3.23
N ALA B 239 23.97 33.38 -2.36
CA ALA B 239 25.34 33.14 -2.79
C ALA B 239 25.47 31.85 -3.61
N MET B 240 24.82 30.78 -3.16
CA MET B 240 24.88 29.50 -3.86
C MET B 240 24.33 29.59 -5.27
N VAL B 241 23.09 30.07 -5.40
CA VAL B 241 22.50 30.32 -6.70
C VAL B 241 22.66 31.80 -7.06
CA CA C . -20.02 -21.44 -1.32
C ACT D . -9.53 -22.44 -7.34
O ACT D . -9.31 -23.63 -7.05
OXT ACT D . -9.08 -22.07 -8.45
CH3 ACT D . -10.32 -21.52 -6.45
N ALA E . 0.11 3.76 22.32
CA ALA E . -0.87 3.22 23.24
C ALA E . -1.34 4.30 24.22
O ALA E . -0.58 5.19 24.56
CB ALA E . -0.29 2.03 24.01
OXT ALA E . -2.48 4.30 24.67
CA CA F . 2.76 -6.39 27.45
#